data_1I9Y
#
_entry.id   1I9Y
#
_cell.length_a   148.967
_cell.length_b   67.407
_cell.length_c   51.443
_cell.angle_alpha   90
_cell.angle_beta   106.403
_cell.angle_gamma   90
#
_symmetry.space_group_name_H-M   'C 1 2 1'
#
loop_
_entity.id
_entity.type
_entity.pdbx_description
1 polymer 'PHOSPHATIDYLINOSITOL PHOSPHATE PHOSPHATASE'
2 water water
#
_entity_poly.entity_id   1
_entity_poly.type   'polypeptide(L)'
_entity_poly.pdbx_seq_one_letter_code
;YDPIHEYVNHELRKRENEFSEHKNVKIFVASYNLNGCSATTKLENWLFPENTPLADIYVVGFQEIVQLTPQQVISADPAK
RREWESCVKRLLNGKCTSGPGYVQLRSGQLVGTALMIFCKESCLPSIKNVEGTVKKTGLGGVSGNKGAVAIRFDYEDTGL
CFITSHLAAGYTNYDERDHDYRTIASGLRFRRGRSIFNHDYVVWFGDFNYRISLTYEEVVPCIAQGKLSYLFEYDQLNKQ
MLTGKVFPFFSELPITFPPTYKFDIGTDIYDTSDKHRVPAWTDRILYRGELVPHSYQSVPLYYSDHRPIYATYEANIVKV
DREKKKILFEELYNQRKQEVRDASQTS
;
_entity_poly.pdbx_strand_id   A
#
# COMPACT_ATOMS: atom_id res chain seq x y z
N TYR A 1 31.03 -6.30 20.36
CA TYR A 1 31.30 -4.89 19.95
C TYR A 1 32.77 -4.63 19.59
N ASP A 2 32.98 -3.89 18.51
CA ASP A 2 34.33 -3.57 18.04
C ASP A 2 34.41 -2.11 17.58
N PRO A 3 35.11 -1.28 18.35
CA PRO A 3 35.29 0.15 18.04
C PRO A 3 35.75 0.44 16.62
N ILE A 4 36.72 -0.33 16.13
CA ILE A 4 37.27 -0.17 14.77
C ILE A 4 36.19 -0.37 13.71
N HIS A 5 35.26 -1.28 14.00
CA HIS A 5 34.16 -1.57 13.09
C HIS A 5 33.22 -0.38 13.06
N GLU A 6 32.84 0.11 14.24
CA GLU A 6 31.96 1.28 14.34
C GLU A 6 32.58 2.43 13.54
N TYR A 7 33.89 2.55 13.65
CA TYR A 7 34.64 3.58 12.95
C TYR A 7 34.48 3.45 11.45
N VAL A 8 34.83 2.29 10.91
CA VAL A 8 34.75 2.06 9.48
C VAL A 8 33.36 2.33 8.91
N ASN A 9 32.31 1.91 9.63
CA ASN A 9 30.96 2.13 9.16
C ASN A 9 30.67 3.61 9.04
N HIS A 10 31.19 4.37 9.99
CA HIS A 10 30.99 5.81 10.00
C HIS A 10 31.64 6.45 8.78
N GLU A 11 32.87 6.05 8.50
CA GLU A 11 33.62 6.58 7.36
C GLU A 11 32.99 6.18 6.03
N LEU A 12 32.64 4.90 5.94
CA LEU A 12 32.04 4.35 4.73
C LEU A 12 30.73 5.05 4.35
N ARG A 13 30.00 5.58 5.33
CA ARG A 13 28.75 6.27 5.02
C ARG A 13 28.99 7.57 4.27
N LYS A 14 30.20 8.12 4.42
CA LYS A 14 30.52 9.36 3.73
C LYS A 14 30.88 9.04 2.29
N ARG A 15 31.51 7.89 2.09
CA ARG A 15 31.91 7.48 0.75
C ARG A 15 30.92 6.49 0.13
N GLU A 16 29.66 6.55 0.57
CA GLU A 16 28.62 5.65 0.07
C GLU A 16 28.47 5.66 -1.43
N ASN A 17 28.50 6.85 -2.01
CA ASN A 17 28.36 6.98 -3.45
C ASN A 17 29.46 6.25 -4.22
N GLU A 18 30.41 5.66 -3.51
CA GLU A 18 31.46 4.94 -4.19
C GLU A 18 31.12 3.47 -4.35
N PHE A 19 30.07 3.02 -3.67
CA PHE A 19 29.66 1.63 -3.80
C PHE A 19 28.14 1.47 -3.83
N SER A 20 27.44 2.58 -4.07
CA SER A 20 25.98 2.59 -4.09
C SER A 20 25.50 3.49 -5.21
N GLU A 21 24.37 3.11 -5.81
CA GLU A 21 23.73 3.90 -6.83
C GLU A 21 22.29 4.07 -6.34
N HIS A 22 21.73 5.28 -6.51
CA HIS A 22 20.37 5.57 -6.10
C HIS A 22 19.50 5.88 -7.28
N LYS A 23 18.29 5.33 -7.26
CA LYS A 23 17.31 5.54 -8.31
C LYS A 23 15.90 5.76 -7.69
N ASN A 24 15.07 6.57 -8.33
CA ASN A 24 13.73 6.78 -7.84
C ASN A 24 12.82 5.85 -8.64
N VAL A 25 11.90 5.15 -7.97
CA VAL A 25 10.96 4.25 -8.65
C VAL A 25 9.54 4.78 -8.41
N LYS A 26 8.77 4.91 -9.48
CA LYS A 26 7.39 5.41 -9.38
C LYS A 26 6.44 4.28 -9.07
N ILE A 27 5.71 4.45 -7.98
CA ILE A 27 4.75 3.44 -7.55
C ILE A 27 3.31 3.98 -7.50
N PHE A 28 2.41 3.21 -8.09
CA PHE A 28 1.00 3.57 -8.15
C PHE A 28 0.27 2.54 -7.32
N VAL A 29 -0.48 3.01 -6.32
CA VAL A 29 -1.18 2.12 -5.45
C VAL A 29 -2.61 2.39 -5.64
N ALA A 30 -3.37 1.33 -5.91
CA ALA A 30 -4.78 1.49 -6.20
C ALA A 30 -5.60 0.51 -5.40
N SER A 31 -6.74 0.97 -4.89
CA SER A 31 -7.63 0.18 -4.09
C SER A 31 -9.10 0.31 -4.48
N TYR A 32 -9.84 -0.81 -4.44
CA TYR A 32 -11.25 -0.78 -4.82
C TYR A 32 -12.10 -1.88 -4.19
N ASN A 33 -13.11 -1.51 -3.40
CA ASN A 33 -14.00 -2.49 -2.83
C ASN A 33 -15.04 -2.55 -3.96
N LEU A 34 -15.05 -3.69 -4.64
CA LEU A 34 -15.91 -3.93 -5.80
C LEU A 34 -17.36 -4.18 -5.57
N ASN A 35 -17.72 -4.56 -4.34
CA ASN A 35 -19.11 -4.93 -4.04
C ASN A 35 -19.52 -6.13 -4.96
N GLY A 36 -18.54 -6.92 -5.38
CA GLY A 36 -18.81 -8.07 -6.21
C GLY A 36 -19.05 -7.73 -7.66
N CYS A 37 -18.83 -6.48 -8.09
CA CYS A 37 -19.09 -6.14 -9.50
C CYS A 37 -18.21 -6.90 -10.47
N SER A 38 -18.62 -6.93 -11.73
CA SER A 38 -17.85 -7.68 -12.70
C SER A 38 -16.59 -7.01 -13.14
N ALA A 39 -15.64 -7.84 -13.45
CA ALA A 39 -14.34 -7.41 -13.92
C ALA A 39 -14.55 -6.67 -15.23
N THR A 40 -13.76 -5.61 -15.47
CA THR A 40 -13.90 -4.84 -16.69
C THR A 40 -12.61 -4.11 -16.92
N THR A 41 -12.31 -3.80 -18.18
CA THR A 41 -11.11 -3.03 -18.43
C THR A 41 -11.49 -1.56 -18.40
N LYS A 42 -12.75 -1.22 -18.14
CA LYS A 42 -13.11 0.21 -18.15
C LYS A 42 -12.78 0.83 -16.80
N LEU A 43 -11.50 1.05 -16.59
CA LEU A 43 -10.94 1.56 -15.34
C LEU A 43 -9.95 2.66 -15.56
N GLU A 44 -9.95 3.23 -16.77
CA GLU A 44 -8.99 4.27 -17.11
C GLU A 44 -8.84 5.43 -16.15
N ASN A 45 -9.97 5.96 -15.69
CA ASN A 45 -10.03 7.10 -14.76
C ASN A 45 -9.40 6.66 -13.44
N TRP A 46 -9.43 5.38 -13.18
CA TRP A 46 -8.85 4.93 -11.92
C TRP A 46 -7.34 4.66 -12.00
N LEU A 47 -6.91 3.90 -13.01
CA LEU A 47 -5.50 3.56 -13.13
C LEU A 47 -4.57 4.57 -13.84
N PHE A 48 -5.15 5.44 -14.69
CA PHE A 48 -4.38 6.46 -15.41
C PHE A 48 -5.13 7.79 -15.17
N PRO A 49 -5.26 8.16 -13.90
CA PRO A 49 -5.97 9.38 -13.53
C PRO A 49 -5.24 10.63 -13.94
N GLU A 50 -3.97 10.63 -13.61
CA GLU A 50 -3.11 11.78 -13.86
C GLU A 50 -2.97 12.07 -15.34
N ASN A 51 -2.01 12.96 -15.61
CA ASN A 51 -1.57 13.37 -16.92
C ASN A 51 -0.07 13.26 -16.64
N THR A 52 0.34 12.15 -16.06
CA THR A 52 1.73 11.91 -15.68
C THR A 52 2.24 10.60 -16.29
N PRO A 53 3.56 10.35 -16.17
CA PRO A 53 4.05 9.10 -16.76
C PRO A 53 3.53 7.85 -16.05
N LEU A 54 3.49 6.77 -16.81
CA LEU A 54 3.06 5.49 -16.27
C LEU A 54 4.02 5.15 -15.15
N ALA A 55 3.52 4.49 -14.13
CA ALA A 55 4.35 4.13 -13.02
C ALA A 55 5.21 2.93 -13.34
N ASP A 56 6.23 2.72 -12.53
CA ASP A 56 7.10 1.55 -12.71
C ASP A 56 6.44 0.32 -12.16
N ILE A 57 5.76 0.50 -11.02
CA ILE A 57 5.10 -0.58 -10.36
C ILE A 57 3.68 -0.18 -10.05
N TYR A 58 2.70 -1.05 -10.38
CA TYR A 58 1.31 -0.81 -10.03
C TYR A 58 0.95 -1.84 -8.98
N VAL A 59 0.41 -1.38 -7.85
CA VAL A 59 0.06 -2.31 -6.80
C VAL A 59 -1.45 -2.11 -6.67
N VAL A 60 -2.22 -3.16 -6.96
CA VAL A 60 -3.68 -3.08 -6.96
C VAL A 60 -4.30 -4.02 -5.97
N GLY A 61 -5.12 -3.45 -5.09
CA GLY A 61 -5.82 -4.24 -4.09
C GLY A 61 -7.31 -4.16 -4.29
N PHE A 62 -7.97 -5.32 -4.30
CA PHE A 62 -9.40 -5.35 -4.44
C PHE A 62 -10.03 -5.95 -3.20
N GLN A 63 -11.24 -5.49 -2.86
CA GLN A 63 -11.99 -6.12 -1.80
C GLN A 63 -13.34 -6.52 -2.40
N GLU A 64 -13.95 -7.52 -1.81
CA GLU A 64 -15.23 -8.02 -2.27
C GLU A 64 -15.24 -8.40 -3.77
N ILE A 65 -14.25 -9.17 -4.19
CA ILE A 65 -14.25 -9.66 -5.59
C ILE A 65 -15.59 -10.40 -5.69
N VAL A 66 -16.00 -10.98 -4.56
CA VAL A 66 -17.30 -11.59 -4.46
C VAL A 66 -17.96 -10.75 -3.38
N GLN A 67 -19.16 -10.29 -3.67
CA GLN A 67 -19.88 -9.47 -2.72
C GLN A 67 -20.13 -10.22 -1.44
N LEU A 68 -19.95 -9.53 -0.31
CA LEU A 68 -20.17 -10.17 0.97
C LEU A 68 -21.60 -10.03 1.46
N THR A 69 -22.07 -11.04 2.19
CA THR A 69 -23.42 -11.02 2.79
C THR A 69 -23.32 -11.16 4.31
N SER A 75 -16.28 -17.71 -0.35
CA SER A 75 -15.37 -18.85 -0.28
C SER A 75 -14.18 -18.77 -1.26
N ALA A 76 -13.71 -17.57 -1.54
CA ALA A 76 -12.57 -17.34 -2.44
C ALA A 76 -12.84 -17.80 -3.86
N ASP A 77 -12.80 -16.88 -4.82
CA ASP A 77 -13.03 -17.22 -6.23
C ASP A 77 -11.80 -16.80 -7.06
N PRO A 78 -10.87 -17.76 -7.27
CA PRO A 78 -9.66 -17.48 -8.04
C PRO A 78 -9.95 -17.05 -9.48
N ALA A 79 -11.02 -17.58 -10.05
CA ALA A 79 -11.39 -17.24 -11.40
C ALA A 79 -11.75 -15.77 -11.52
N LYS A 80 -12.57 -15.29 -10.59
CA LYS A 80 -12.96 -13.91 -10.65
C LYS A 80 -11.75 -13.02 -10.52
N ARG A 81 -10.85 -13.38 -9.60
CA ARG A 81 -9.63 -12.61 -9.38
C ARG A 81 -8.81 -12.60 -10.67
N ARG A 82 -8.72 -13.75 -11.33
CA ARG A 82 -7.92 -13.83 -12.55
C ARG A 82 -8.48 -12.94 -13.67
N GLU A 83 -9.79 -12.79 -13.68
CA GLU A 83 -10.39 -11.91 -14.70
C GLU A 83 -9.91 -10.45 -14.43
N TRP A 84 -9.83 -10.07 -13.15
CA TRP A 84 -9.40 -8.71 -12.84
C TRP A 84 -7.97 -8.57 -13.24
N GLU A 85 -7.18 -9.59 -12.90
CA GLU A 85 -5.75 -9.59 -13.26
C GLU A 85 -5.61 -9.38 -14.78
N SER A 86 -6.40 -10.13 -15.52
CA SER A 86 -6.37 -10.04 -16.95
C SER A 86 -6.80 -8.63 -17.39
N CYS A 87 -7.87 -8.12 -16.79
CA CYS A 87 -8.30 -6.76 -17.17
C CYS A 87 -7.21 -5.73 -16.89
N VAL A 88 -6.59 -5.78 -15.70
CA VAL A 88 -5.56 -4.80 -15.40
C VAL A 88 -4.36 -4.89 -16.31
N LYS A 89 -3.87 -6.10 -16.51
CA LYS A 89 -2.76 -6.31 -17.37
C LYS A 89 -3.06 -5.73 -18.78
N ARG A 90 -4.25 -5.98 -19.31
CA ARG A 90 -4.63 -5.52 -20.68
C ARG A 90 -4.57 -4.00 -20.71
N LEU A 91 -5.13 -3.38 -19.67
CA LEU A 91 -5.13 -1.93 -19.57
C LEU A 91 -3.70 -1.36 -19.51
N LEU A 92 -2.86 -1.90 -18.64
CA LEU A 92 -1.49 -1.41 -18.55
C LEU A 92 -0.71 -1.55 -19.86
N ASN A 93 -0.87 -2.71 -20.51
CA ASN A 93 -0.15 -2.98 -21.72
C ASN A 93 -0.70 -2.17 -22.86
N GLY A 94 -1.99 -1.89 -22.79
CA GLY A 94 -2.65 -1.10 -23.80
C GLY A 94 -2.00 0.27 -23.86
N LYS A 95 -1.44 0.74 -22.75
CA LYS A 95 -0.79 2.04 -22.75
C LYS A 95 0.62 1.91 -23.31
N CYS A 96 1.15 0.68 -23.40
CA CYS A 96 2.49 0.46 -23.94
C CYS A 96 2.46 0.12 -25.42
N THR A 97 2.21 1.12 -26.25
CA THR A 97 2.11 0.91 -27.70
C THR A 97 3.45 0.77 -28.37
N SER A 98 4.51 0.96 -27.59
CA SER A 98 5.85 0.86 -28.11
C SER A 98 6.70 -0.01 -27.19
N GLY A 99 7.35 -1.02 -27.77
CA GLY A 99 8.18 -1.91 -27.00
C GLY A 99 7.46 -2.70 -25.90
N PRO A 100 8.22 -3.27 -24.93
CA PRO A 100 7.72 -4.06 -23.79
C PRO A 100 6.78 -3.32 -22.84
N GLY A 101 5.90 -4.11 -22.23
CA GLY A 101 4.93 -3.56 -21.34
C GLY A 101 5.14 -3.93 -19.88
N TYR A 102 4.05 -4.39 -19.27
CA TYR A 102 4.00 -4.71 -17.86
C TYR A 102 3.76 -6.18 -17.66
N VAL A 103 4.30 -6.72 -16.57
CA VAL A 103 4.07 -8.12 -16.27
C VAL A 103 3.56 -8.22 -14.86
N GLN A 104 2.76 -9.25 -14.60
CA GLN A 104 2.26 -9.49 -13.27
C GLN A 104 3.34 -10.22 -12.52
N LEU A 105 3.83 -9.58 -11.48
CA LEU A 105 4.85 -10.16 -10.65
C LEU A 105 4.27 -11.31 -9.83
N ARG A 106 3.17 -11.00 -9.14
CA ARG A 106 2.53 -11.95 -8.23
C ARG A 106 1.21 -11.36 -7.77
N SER A 107 0.30 -12.22 -7.33
CA SER A 107 -1.00 -11.82 -6.76
C SER A 107 -1.28 -12.80 -5.63
N GLY A 108 -2.11 -12.37 -4.69
CA GLY A 108 -2.43 -13.16 -3.52
C GLY A 108 -3.91 -12.92 -3.34
N GLN A 109 -4.53 -13.82 -2.59
CA GLN A 109 -5.95 -13.69 -2.40
C GLN A 109 -6.43 -14.28 -1.10
N LEU A 110 -7.35 -13.58 -0.43
CA LEU A 110 -7.93 -14.12 0.82
C LEU A 110 -9.43 -13.88 0.67
N VAL A 111 -10.15 -14.95 0.42
CA VAL A 111 -11.56 -14.88 0.14
C VAL A 111 -11.76 -13.80 -0.96
N GLY A 112 -12.51 -12.73 -0.70
CA GLY A 112 -12.69 -11.74 -1.75
C GLY A 112 -11.68 -10.55 -1.83
N THR A 113 -10.65 -10.64 -1.01
CA THR A 113 -9.62 -9.62 -0.97
C THR A 113 -8.45 -10.10 -1.80
N ALA A 114 -7.98 -9.29 -2.75
CA ALA A 114 -6.82 -9.77 -3.50
C ALA A 114 -5.85 -8.62 -3.72
N LEU A 115 -4.60 -8.99 -3.91
CA LEU A 115 -3.51 -8.02 -4.13
C LEU A 115 -2.76 -8.48 -5.37
N MET A 116 -2.50 -7.60 -6.32
CA MET A 116 -1.77 -8.03 -7.49
C MET A 116 -0.80 -6.94 -7.79
N ILE A 117 0.43 -7.34 -8.11
CA ILE A 117 1.46 -6.37 -8.42
C ILE A 117 2.00 -6.54 -9.83
N PHE A 118 2.03 -5.43 -10.58
CA PHE A 118 2.55 -5.40 -11.93
C PHE A 118 3.75 -4.46 -11.97
N CYS A 119 4.72 -4.78 -12.79
CA CYS A 119 5.87 -3.90 -12.94
C CYS A 119 6.27 -3.90 -14.39
N LYS A 120 7.05 -2.89 -14.77
CA LYS A 120 7.51 -2.82 -16.15
C LYS A 120 8.48 -3.97 -16.28
N GLU A 121 8.52 -4.59 -17.45
CA GLU A 121 9.50 -5.67 -17.64
C GLU A 121 10.92 -5.21 -17.31
N SER A 122 11.27 -3.97 -17.65
CA SER A 122 12.62 -3.47 -17.35
C SER A 122 12.96 -3.43 -15.87
N CYS A 123 11.96 -3.53 -15.00
CA CYS A 123 12.20 -3.54 -13.55
C CYS A 123 12.52 -4.92 -13.03
N LEU A 124 12.02 -5.94 -13.73
CA LEU A 124 12.23 -7.32 -13.29
C LEU A 124 13.60 -7.73 -12.83
N PRO A 125 14.65 -7.44 -13.61
CA PRO A 125 15.96 -7.88 -13.12
C PRO A 125 16.34 -7.32 -11.76
N SER A 126 15.75 -6.17 -11.40
CA SER A 126 16.02 -5.57 -10.08
C SER A 126 15.17 -6.17 -8.97
N ILE A 127 14.07 -6.84 -9.30
CA ILE A 127 13.18 -7.37 -8.28
C ILE A 127 13.52 -8.78 -7.80
N LYS A 128 13.75 -8.94 -6.49
CA LYS A 128 14.13 -10.26 -5.97
C LYS A 128 13.41 -10.61 -4.66
N ASN A 129 13.49 -11.89 -4.28
CA ASN A 129 12.91 -12.36 -3.03
C ASN A 129 11.44 -12.00 -2.84
N VAL A 130 10.66 -12.19 -3.90
CA VAL A 130 9.24 -11.88 -3.81
C VAL A 130 8.60 -12.94 -2.94
N GLU A 131 7.88 -12.49 -1.91
CA GLU A 131 7.19 -13.40 -1.02
C GLU A 131 5.76 -12.91 -0.78
N GLY A 132 4.86 -13.84 -0.58
CA GLY A 132 3.48 -13.41 -0.32
C GLY A 132 2.87 -14.15 0.85
N THR A 133 1.84 -13.56 1.47
CA THR A 133 1.17 -14.25 2.54
C THR A 133 -0.24 -13.61 2.76
N VAL A 134 -1.07 -14.22 3.59
CA VAL A 134 -2.37 -13.64 3.84
C VAL A 134 -2.61 -13.86 5.32
N LYS A 135 -3.58 -13.12 5.88
CA LYS A 135 -3.92 -13.34 7.28
C LYS A 135 -5.41 -12.97 7.46
N LYS A 136 -6.19 -13.93 7.90
CA LYS A 136 -7.58 -13.64 8.14
C LYS A 136 -7.68 -12.97 9.52
N THR A 137 -8.76 -12.18 9.67
CA THR A 137 -9.05 -11.52 10.93
C THR A 137 -9.84 -12.50 11.79
N GLY A 138 -9.81 -12.26 13.10
CA GLY A 138 -10.52 -13.10 14.05
C GLY A 138 -11.66 -12.39 14.76
N LEU A 139 -11.53 -12.25 16.06
CA LEU A 139 -12.53 -11.62 16.93
C LEU A 139 -13.94 -12.16 16.79
N GLY A 144 -14.97 -16.40 8.68
CA GLY A 144 -15.07 -15.01 8.26
C GLY A 144 -14.47 -14.68 6.90
N ASN A 145 -14.87 -13.52 6.38
CA ASN A 145 -14.34 -13.13 5.11
C ASN A 145 -13.46 -11.88 5.14
N LYS A 146 -12.98 -11.50 6.31
CA LYS A 146 -12.12 -10.33 6.36
C LYS A 146 -10.69 -10.73 6.57
N GLY A 147 -9.80 -9.81 6.24
CA GLY A 147 -8.39 -10.07 6.41
C GLY A 147 -7.48 -9.29 5.51
N ALA A 148 -6.28 -9.82 5.36
CA ALA A 148 -5.28 -9.16 4.58
C ALA A 148 -4.50 -10.02 3.65
N VAL A 149 -4.04 -9.40 2.59
CA VAL A 149 -3.19 -10.10 1.61
C VAL A 149 -1.95 -9.24 1.49
N ALA A 150 -0.78 -9.86 1.49
CA ALA A 150 0.44 -9.09 1.40
C ALA A 150 1.47 -9.67 0.48
N ILE A 151 2.24 -8.77 -0.15
CA ILE A 151 3.34 -9.18 -1.01
C ILE A 151 4.52 -8.22 -0.80
N ARG A 152 5.72 -8.79 -0.63
CA ARG A 152 6.91 -7.98 -0.43
C ARG A 152 7.96 -8.43 -1.43
N PHE A 153 8.96 -7.57 -1.63
CA PHE A 153 10.02 -7.90 -2.53
C PHE A 153 11.15 -6.89 -2.33
N ASP A 154 12.32 -7.24 -2.85
CA ASP A 154 13.40 -6.29 -2.78
C ASP A 154 13.54 -5.70 -4.17
N TYR A 155 13.68 -4.39 -4.27
CA TYR A 155 13.95 -3.74 -5.54
C TYR A 155 15.43 -3.35 -5.30
N GLU A 156 16.31 -4.03 -6.02
CA GLU A 156 17.76 -3.90 -5.78
C GLU A 156 17.97 -4.18 -4.28
N ASP A 157 18.55 -3.24 -3.53
CA ASP A 157 18.78 -3.49 -2.11
C ASP A 157 17.80 -2.79 -1.17
N THR A 158 16.66 -2.41 -1.72
CA THR A 158 15.64 -1.75 -0.94
C THR A 158 14.42 -2.68 -0.75
N GLY A 159 13.95 -2.84 0.49
CA GLY A 159 12.81 -3.72 0.73
C GLY A 159 11.44 -3.03 0.72
N LEU A 160 10.50 -3.62 -0.03
CA LEU A 160 9.14 -3.07 -0.07
C LEU A 160 8.09 -4.09 0.31
N CYS A 161 7.09 -3.66 1.04
CA CYS A 161 6.03 -4.55 1.43
C CYS A 161 4.69 -3.89 1.19
N PHE A 162 3.80 -4.60 0.49
CA PHE A 162 2.48 -4.08 0.22
C PHE A 162 1.39 -4.95 0.84
N ILE A 163 0.47 -4.31 1.52
CA ILE A 163 -0.60 -5.01 2.17
C ILE A 163 -1.95 -4.40 1.85
N THR A 164 -2.89 -5.25 1.39
CA THR A 164 -4.23 -4.73 1.23
C THR A 164 -5.08 -5.50 2.23
N SER A 165 -6.19 -4.92 2.67
CA SER A 165 -7.00 -5.55 3.70
C SER A 165 -8.40 -5.08 3.56
N HIS A 166 -9.25 -5.81 4.24
CA HIS A 166 -10.66 -5.53 4.32
C HIS A 166 -10.92 -5.88 5.76
N LEU A 167 -11.18 -4.85 6.56
CA LEU A 167 -11.40 -5.01 7.98
C LEU A 167 -12.86 -5.02 8.42
N ALA A 168 -13.10 -5.32 9.69
CA ALA A 168 -14.46 -5.45 10.21
C ALA A 168 -15.39 -4.33 9.82
N ALA A 169 -16.60 -4.72 9.38
CA ALA A 169 -17.61 -3.76 8.96
C ALA A 169 -18.43 -3.38 10.16
N GLY A 170 -19.18 -2.31 10.02
CA GLY A 170 -20.04 -1.90 11.13
C GLY A 170 -19.76 -0.43 11.41
N TYR A 171 -20.79 0.23 11.91
CA TYR A 171 -20.68 1.63 12.22
C TYR A 171 -19.82 2.02 13.42
N THR A 172 -20.14 1.49 14.57
CA THR A 172 -19.42 1.86 15.78
C THR A 172 -18.26 0.93 16.19
N ASN A 173 -18.18 -0.24 15.59
CA ASN A 173 -17.15 -1.16 16.01
C ASN A 173 -15.73 -0.91 15.58
N TYR A 174 -15.23 0.29 15.86
CA TYR A 174 -13.85 0.54 15.51
C TYR A 174 -12.93 -0.25 16.45
N ASP A 175 -13.43 -0.72 17.59
CA ASP A 175 -12.55 -1.53 18.47
C ASP A 175 -12.17 -2.83 17.76
N GLU A 176 -13.13 -3.41 17.06
CA GLU A 176 -12.89 -4.63 16.34
C GLU A 176 -11.91 -4.35 15.21
N ARG A 177 -12.07 -3.21 14.56
CA ARG A 177 -11.17 -2.80 13.48
C ARG A 177 -9.75 -2.68 14.02
N ASP A 178 -9.64 -2.10 15.20
CA ASP A 178 -8.30 -1.93 15.76
C ASP A 178 -7.68 -3.29 16.08
N HIS A 179 -8.51 -4.20 16.53
CA HIS A 179 -8.04 -5.53 16.85
C HIS A 179 -7.58 -6.19 15.53
N ASP A 180 -8.33 -5.94 14.46
CA ASP A 180 -8.00 -6.49 13.15
C ASP A 180 -6.63 -6.02 12.73
N TYR A 181 -6.36 -4.73 12.93
CA TYR A 181 -5.06 -4.19 12.62
C TYR A 181 -4.03 -5.03 13.36
N ARG A 182 -4.23 -5.18 14.66
CA ARG A 182 -3.25 -5.91 15.45
C ARG A 182 -3.07 -7.36 15.05
N THR A 183 -4.18 -8.06 14.77
CA THR A 183 -4.16 -9.46 14.39
C THR A 183 -3.33 -9.62 13.13
N ILE A 184 -3.54 -8.70 12.19
CA ILE A 184 -2.84 -8.73 10.94
C ILE A 184 -1.38 -8.33 11.08
N ALA A 185 -1.13 -7.22 11.77
CA ALA A 185 0.26 -6.76 11.86
C ALA A 185 1.13 -7.84 12.55
N SER A 186 0.57 -8.49 13.58
CA SER A 186 1.32 -9.56 14.26
C SER A 186 1.27 -10.85 13.47
N GLY A 187 0.17 -11.08 12.77
CA GLY A 187 0.02 -12.35 12.09
C GLY A 187 0.54 -12.57 10.70
N LEU A 188 0.79 -11.49 9.98
CA LEU A 188 1.31 -11.59 8.62
C LEU A 188 2.79 -11.97 8.72
N ARG A 189 3.14 -13.10 8.12
CA ARG A 189 4.52 -13.61 8.14
C ARG A 189 4.80 -14.18 6.79
N PHE A 190 5.90 -13.77 6.19
CA PHE A 190 6.26 -14.30 4.89
C PHE A 190 7.16 -15.52 5.21
N ARG A 191 8.22 -15.76 4.45
CA ARG A 191 9.09 -16.93 4.71
C ARG A 191 10.05 -16.70 5.88
N ARG A 192 10.39 -17.78 6.57
CA ARG A 192 11.33 -17.65 7.68
C ARG A 192 10.84 -16.67 8.75
N GLY A 193 9.53 -16.50 8.85
CA GLY A 193 8.99 -15.59 9.84
C GLY A 193 9.20 -14.10 9.55
N ARG A 194 9.63 -13.73 8.36
CA ARG A 194 9.82 -12.31 8.05
C ARG A 194 8.50 -11.53 8.30
N SER A 195 8.55 -10.40 8.98
CA SER A 195 7.34 -9.64 9.26
C SER A 195 7.13 -8.51 8.26
N ILE A 196 6.03 -7.79 8.36
CA ILE A 196 5.80 -6.73 7.42
C ILE A 196 6.67 -5.50 7.71
N PHE A 197 7.08 -5.36 8.96
CA PHE A 197 7.84 -4.18 9.36
C PHE A 197 9.28 -4.11 8.95
N ASN A 198 9.83 -5.28 8.63
CA ASN A 198 11.21 -5.47 8.21
C ASN A 198 11.43 -5.01 6.78
N HIS A 199 11.07 -3.77 6.47
CA HIS A 199 11.18 -3.24 5.11
C HIS A 199 11.42 -1.76 5.12
N ASP A 200 12.05 -1.25 4.06
CA ASP A 200 12.25 0.18 3.95
C ASP A 200 10.93 0.92 3.72
N TYR A 201 10.09 0.36 2.83
CA TYR A 201 8.80 0.96 2.56
C TYR A 201 7.67 -0.05 2.72
N VAL A 202 6.63 0.36 3.44
CA VAL A 202 5.43 -0.46 3.63
C VAL A 202 4.23 0.41 3.26
N VAL A 203 3.33 -0.12 2.41
CA VAL A 203 2.09 0.61 2.07
C VAL A 203 1.02 -0.40 2.45
N TRP A 204 0.09 0.03 3.29
CA TRP A 204 -0.97 -0.85 3.76
C TRP A 204 -2.20 -0.08 3.43
N PHE A 205 -3.14 -0.73 2.74
CA PHE A 205 -4.29 0.01 2.28
C PHE A 205 -5.49 -0.89 2.06
N GLY A 206 -6.62 -0.29 1.79
CA GLY A 206 -7.81 -1.10 1.47
C GLY A 206 -9.07 -0.59 2.10
N ASP A 207 -10.03 -1.47 2.34
CA ASP A 207 -11.29 -1.05 2.94
C ASP A 207 -11.14 -1.34 4.43
N PHE A 208 -10.64 -0.34 5.15
CA PHE A 208 -10.40 -0.51 6.59
C PHE A 208 -11.69 -0.36 7.34
N ASN A 209 -12.71 0.11 6.63
CA ASN A 209 -14.04 0.24 7.17
C ASN A 209 -14.26 1.22 8.30
N TYR A 210 -13.27 2.01 8.64
CA TYR A 210 -13.45 3.02 9.69
C TYR A 210 -14.44 4.06 9.20
N ARG A 211 -15.24 4.58 10.13
CA ARG A 211 -16.32 5.50 9.75
C ARG A 211 -16.21 6.92 10.31
N ILE A 212 -17.19 7.74 9.86
CA ILE A 212 -17.30 9.10 10.32
C ILE A 212 -18.35 9.03 11.42
N SER A 213 -17.97 9.39 12.64
CA SER A 213 -18.88 9.25 13.75
C SER A 213 -19.99 10.32 13.87
N LEU A 214 -20.74 10.54 12.81
CA LEU A 214 -21.85 11.51 12.90
C LEU A 214 -23.04 10.75 12.22
N THR A 215 -24.22 11.35 12.19
CA THR A 215 -25.36 10.69 11.58
C THR A 215 -25.39 11.05 10.09
N TYR A 216 -26.19 10.28 9.39
CA TYR A 216 -26.37 10.47 7.97
C TYR A 216 -26.84 11.93 7.72
N GLU A 217 -27.80 12.45 8.50
CA GLU A 217 -28.29 13.82 8.22
C GLU A 217 -27.26 14.93 8.44
N GLU A 218 -26.29 14.68 9.30
CA GLU A 218 -25.22 15.65 9.54
C GLU A 218 -24.21 15.52 8.44
N VAL A 219 -23.89 14.29 8.05
CA VAL A 219 -22.81 14.09 7.11
C VAL A 219 -23.11 14.48 5.70
N VAL A 220 -24.25 14.06 5.19
CA VAL A 220 -24.51 14.35 3.76
C VAL A 220 -24.44 15.85 3.39
N PRO A 221 -25.11 16.74 4.16
CA PRO A 221 -24.96 18.12 3.70
C PRO A 221 -23.54 18.66 3.90
N CYS A 222 -22.81 18.13 4.86
CA CYS A 222 -21.43 18.60 5.00
C CYS A 222 -20.64 18.17 3.78
N ILE A 223 -20.83 16.94 3.34
CA ILE A 223 -20.00 16.65 2.20
C ILE A 223 -20.45 17.54 0.99
N ALA A 224 -21.77 17.68 0.76
CA ALA A 224 -22.29 18.53 -0.32
C ALA A 224 -21.69 19.94 -0.27
N GLN A 225 -21.47 20.45 0.93
CA GLN A 225 -20.90 21.78 1.11
C GLN A 225 -19.40 21.81 1.20
N GLY A 226 -18.78 20.67 0.95
CA GLY A 226 -17.33 20.69 0.98
C GLY A 226 -16.69 20.78 2.35
N LYS A 227 -17.44 20.50 3.42
CA LYS A 227 -16.87 20.59 4.80
C LYS A 227 -16.14 19.31 5.21
N LEU A 228 -15.16 18.92 4.40
CA LEU A 228 -14.42 17.70 4.63
C LEU A 228 -13.57 17.75 5.87
N SER A 229 -12.93 18.90 6.14
CA SER A 229 -12.11 19.02 7.35
C SER A 229 -12.92 18.76 8.57
N TYR A 230 -14.15 19.26 8.59
CA TYR A 230 -15.02 19.08 9.74
C TYR A 230 -15.34 17.61 9.88
N LEU A 231 -15.67 17.00 8.75
CA LEU A 231 -16.00 15.56 8.77
C LEU A 231 -14.76 14.78 9.21
N PHE A 232 -13.58 15.19 8.77
CA PHE A 232 -12.38 14.46 9.17
C PHE A 232 -12.18 14.42 10.69
N GLU A 233 -12.67 15.42 11.40
CA GLU A 233 -12.52 15.44 12.86
C GLU A 233 -13.29 14.29 13.46
N TYR A 234 -14.27 13.76 12.73
CA TYR A 234 -15.04 12.68 13.26
C TYR A 234 -14.67 11.33 12.67
N ASP A 235 -13.61 11.33 11.87
CA ASP A 235 -13.17 10.09 11.22
C ASP A 235 -12.56 9.14 12.24
N GLN A 236 -13.08 7.92 12.30
CA GLN A 236 -12.51 6.96 13.26
C GLN A 236 -11.05 6.57 13.01
N LEU A 237 -10.64 6.36 11.76
CA LEU A 237 -9.25 5.98 11.55
C LEU A 237 -8.25 7.04 12.08
N ASN A 238 -8.48 8.32 11.71
CA ASN A 238 -7.65 9.44 12.17
C ASN A 238 -7.57 9.41 13.72
N LYS A 239 -8.72 9.25 14.35
CA LYS A 239 -8.77 9.24 15.82
C LYS A 239 -7.89 8.10 16.37
N GLN A 240 -8.08 6.88 15.86
CA GLN A 240 -7.30 5.75 16.35
C GLN A 240 -5.81 5.83 15.98
N MET A 241 -5.45 6.47 14.87
CA MET A 241 -4.05 6.57 14.54
C MET A 241 -3.37 7.63 15.39
N LEU A 242 -4.08 8.72 15.64
CA LEU A 242 -3.54 9.79 16.48
C LEU A 242 -3.10 9.24 17.83
N THR A 243 -3.87 8.30 18.38
CA THR A 243 -3.51 7.72 19.68
C THR A 243 -2.43 6.63 19.58
N GLY A 244 -2.03 6.29 18.36
CA GLY A 244 -1.02 5.26 18.19
C GLY A 244 -1.54 3.85 18.39
N LYS A 245 -2.84 3.68 18.61
CA LYS A 245 -3.38 2.31 18.80
C LYS A 245 -3.32 1.49 17.48
N VAL A 246 -3.43 2.13 16.31
CA VAL A 246 -3.36 1.38 15.06
C VAL A 246 -2.46 2.05 14.08
N PHE A 247 -1.90 1.25 13.19
CA PHE A 247 -0.98 1.77 12.20
C PHE A 247 0.09 2.78 12.71
N PRO A 248 0.80 2.46 13.80
CA PRO A 248 1.84 3.40 14.31
C PRO A 248 2.91 3.56 13.23
N PHE A 249 3.41 4.78 13.13
CA PHE A 249 4.42 5.16 12.16
C PHE A 249 3.95 5.23 10.72
N PHE A 250 2.66 5.03 10.49
CA PHE A 250 2.12 5.17 9.15
C PHE A 250 1.58 6.57 9.00
N SER A 251 1.68 7.08 7.79
CA SER A 251 1.15 8.39 7.54
C SER A 251 0.10 8.22 6.46
N GLU A 252 -0.81 9.20 6.41
CA GLU A 252 -1.79 9.23 5.36
C GLU A 252 -1.70 10.66 4.85
N LEU A 253 -1.75 10.83 3.54
CA LEU A 253 -1.76 12.18 2.98
C LEU A 253 -3.09 12.86 3.36
N PRO A 254 -3.14 14.21 3.39
CA PRO A 254 -4.46 14.73 3.73
C PRO A 254 -5.50 14.31 2.68
N ILE A 255 -6.72 14.06 3.18
CA ILE A 255 -7.81 13.66 2.35
C ILE A 255 -8.57 14.86 1.81
N THR A 256 -8.57 14.99 0.50
CA THR A 256 -9.28 16.11 -0.08
C THR A 256 -10.44 15.63 -0.97
N PHE A 257 -10.72 14.34 -0.95
CA PHE A 257 -11.85 13.83 -1.74
C PHE A 257 -12.97 13.45 -0.79
N PRO A 258 -14.22 13.42 -1.28
CA PRO A 258 -15.34 13.06 -0.43
C PRO A 258 -15.34 11.58 -0.01
N PRO A 259 -16.13 11.25 1.04
CA PRO A 259 -16.28 9.89 1.59
C PRO A 259 -16.56 8.99 0.38
N THR A 260 -15.82 7.89 0.30
CA THR A 260 -15.88 7.04 -0.86
C THR A 260 -16.93 5.98 -0.68
N TYR A 261 -17.61 6.01 0.44
CA TYR A 261 -18.53 4.96 0.74
C TYR A 261 -19.88 5.40 1.08
N LYS A 262 -20.64 4.44 0.58
CA LYS A 262 -21.98 4.15 0.49
C LYS A 262 -22.75 4.95 -0.51
N PHE A 263 -22.46 4.62 -1.75
CA PHE A 263 -23.12 5.27 -2.87
C PHE A 263 -24.17 4.33 -3.45
N ASP A 264 -25.31 4.88 -3.91
CA ASP A 264 -26.29 4.06 -4.67
C ASP A 264 -25.44 3.68 -5.90
N ILE A 265 -25.54 2.44 -6.35
CA ILE A 265 -24.70 2.03 -7.45
C ILE A 265 -25.03 2.80 -8.71
N GLY A 266 -23.99 3.29 -9.39
CA GLY A 266 -24.15 4.00 -10.66
C GLY A 266 -24.40 5.50 -10.51
N THR A 267 -24.52 5.96 -9.28
CA THR A 267 -24.85 7.38 -9.09
C THR A 267 -23.90 8.13 -8.17
N ASP A 268 -24.10 9.46 -8.13
CA ASP A 268 -23.31 10.35 -7.28
C ASP A 268 -24.01 10.45 -5.93
N ILE A 269 -25.04 9.64 -5.73
CA ILE A 269 -25.88 9.77 -4.58
C ILE A 269 -25.54 8.88 -3.41
N TYR A 270 -25.52 9.43 -2.19
CA TYR A 270 -25.21 8.55 -1.06
C TYR A 270 -26.44 7.74 -0.66
N ASP A 271 -26.15 6.50 -0.30
CA ASP A 271 -27.10 5.49 0.11
C ASP A 271 -28.48 6.00 0.46
N THR A 272 -29.42 5.83 -0.48
CA THR A 272 -30.80 6.23 -0.26
C THR A 272 -31.60 5.01 0.08
N SER A 273 -30.93 3.89 0.36
CA SER A 273 -31.68 2.68 0.76
C SER A 273 -32.19 2.92 2.18
N ASP A 274 -33.07 2.04 2.64
CA ASP A 274 -33.67 2.20 3.96
C ASP A 274 -32.58 2.05 5.00
N LYS A 275 -31.52 1.34 4.64
CA LYS A 275 -30.37 1.11 5.53
C LYS A 275 -29.80 2.46 6.02
N HIS A 276 -29.98 3.52 5.26
N HIS A 276 -29.35 3.91 4.26
CA HIS A 276 -29.47 4.84 5.64
CA HIS A 276 -29.10 5.08 5.07
C HIS A 276 -28.48 4.74 6.79
C HIS A 276 -27.76 4.92 5.77
N ARG A 277 -26.87 4.11 5.21
CA ARG A 277 -25.58 3.97 5.84
C ARG A 277 -24.91 5.35 5.81
N VAL A 278 -24.27 5.69 6.91
CA VAL A 278 -23.62 7.01 6.99
C VAL A 278 -22.40 7.02 6.09
N PRO A 279 -22.23 8.09 5.28
CA PRO A 279 -21.04 8.12 4.43
C PRO A 279 -19.80 8.01 5.29
N ALA A 280 -18.71 7.52 4.70
CA ALA A 280 -17.46 7.32 5.40
C ALA A 280 -16.27 7.19 4.46
N TRP A 281 -15.07 7.51 4.97
CA TRP A 281 -13.85 7.28 4.24
C TRP A 281 -13.37 5.87 4.63
N THR A 282 -14.06 4.86 4.14
CA THR A 282 -13.73 3.45 4.44
C THR A 282 -12.46 3.02 3.74
N ASP A 283 -12.21 3.60 2.58
CA ASP A 283 -11.07 3.24 1.75
C ASP A 283 -9.84 4.13 1.96
N ARG A 284 -8.73 3.50 2.29
CA ARG A 284 -7.54 4.25 2.58
C ARG A 284 -6.21 3.68 2.24
N ILE A 285 -5.25 4.58 2.07
CA ILE A 285 -3.92 4.16 1.76
C ILE A 285 -3.00 4.87 2.71
N LEU A 286 -2.26 4.08 3.47
CA LEU A 286 -1.32 4.53 4.47
C LEU A 286 0.08 4.03 4.12
N TYR A 287 1.13 4.80 4.48
CA TYR A 287 2.48 4.31 4.18
C TYR A 287 3.44 4.51 5.36
N ARG A 288 4.43 3.64 5.42
CA ARG A 288 5.42 3.71 6.49
C ARG A 288 6.80 3.66 5.81
N GLY A 289 7.67 4.59 6.17
CA GLY A 289 8.98 4.62 5.56
C GLY A 289 9.11 5.87 4.71
N GLU A 290 10.33 6.12 4.24
CA GLU A 290 10.63 7.31 3.47
C GLU A 290 10.15 7.41 2.04
N LEU A 291 8.91 6.99 1.78
CA LEU A 291 8.38 7.12 0.42
C LEU A 291 8.08 8.58 0.25
N VAL A 292 8.08 9.06 -0.98
CA VAL A 292 7.71 10.44 -1.24
C VAL A 292 6.30 10.37 -1.83
N PRO A 293 5.30 10.78 -1.06
CA PRO A 293 3.91 10.74 -1.55
C PRO A 293 3.61 11.85 -2.49
N HIS A 294 2.78 11.58 -3.49
CA HIS A 294 2.40 12.63 -4.42
C HIS A 294 0.89 12.83 -4.37
N SER A 295 0.13 11.92 -4.96
CA SER A 295 -1.32 12.03 -5.02
C SER A 295 -2.06 11.07 -4.10
N TYR A 296 -3.29 11.41 -3.78
CA TYR A 296 -4.13 10.55 -2.96
C TYR A 296 -5.51 11.01 -3.36
N GLN A 297 -6.21 10.23 -4.17
CA GLN A 297 -7.51 10.69 -4.62
C GLN A 297 -8.52 9.55 -4.79
N SER A 298 -9.80 9.90 -4.86
CA SER A 298 -10.82 8.90 -5.16
C SER A 298 -11.09 9.19 -6.65
N VAL A 299 -11.71 8.24 -7.34
CA VAL A 299 -11.92 8.38 -8.75
C VAL A 299 -13.37 8.11 -9.02
N PRO A 300 -13.94 8.82 -9.97
CA PRO A 300 -15.35 8.55 -10.19
C PRO A 300 -15.64 7.29 -10.99
N LEU A 301 -15.61 6.11 -10.36
CA LEU A 301 -16.05 4.89 -11.07
C LEU A 301 -17.34 4.56 -10.33
N TYR A 302 -18.34 4.02 -11.01
CA TYR A 302 -19.66 3.82 -10.40
C TYR A 302 -20.20 2.40 -10.35
N TYR A 303 -19.33 1.42 -10.59
CA TYR A 303 -19.70 0.01 -10.58
C TYR A 303 -20.03 -0.52 -9.19
N SER A 304 -19.55 0.16 -8.19
CA SER A 304 -19.71 -0.31 -6.83
C SER A 304 -20.37 0.70 -5.88
N ASP A 305 -20.64 0.28 -4.64
CA ASP A 305 -21.18 1.23 -3.69
C ASP A 305 -19.99 1.99 -3.04
N HIS A 306 -18.77 1.72 -3.49
CA HIS A 306 -17.58 2.46 -3.04
C HIS A 306 -16.95 3.04 -4.26
N ARG A 307 -16.29 4.17 -4.09
CA ARG A 307 -15.47 4.71 -5.17
C ARG A 307 -14.11 4.13 -4.97
N PRO A 308 -13.35 3.91 -6.06
CA PRO A 308 -12.01 3.38 -5.94
C PRO A 308 -11.09 4.59 -5.57
N ILE A 309 -9.89 4.29 -5.06
CA ILE A 309 -8.95 5.35 -4.74
C ILE A 309 -7.56 4.97 -5.20
N TYR A 310 -6.64 5.92 -5.22
CA TYR A 310 -5.26 5.60 -5.53
C TYR A 310 -4.34 6.59 -4.84
N ALA A 311 -3.06 6.23 -4.74
CA ALA A 311 -2.08 7.12 -4.15
C ALA A 311 -0.86 6.87 -5.01
N THR A 312 0.01 7.88 -5.15
CA THR A 312 1.25 7.68 -5.91
C THR A 312 2.45 8.02 -5.05
N TYR A 313 3.54 7.35 -5.32
CA TYR A 313 4.76 7.50 -4.54
C TYR A 313 5.97 7.43 -5.44
N GLU A 314 7.07 8.00 -4.95
CA GLU A 314 8.35 7.86 -5.59
C GLU A 314 9.06 7.17 -4.46
N ALA A 315 9.77 6.10 -4.77
CA ALA A 315 10.48 5.32 -3.78
C ALA A 315 11.93 5.28 -4.20
N ASN A 316 12.79 5.84 -3.35
CA ASN A 316 14.20 5.83 -3.63
C ASN A 316 14.73 4.44 -3.38
N ILE A 317 15.42 3.94 -4.38
CA ILE A 317 15.98 2.63 -4.37
C ILE A 317 17.50 2.71 -4.34
N VAL A 318 18.13 1.80 -3.60
CA VAL A 318 19.58 1.75 -3.55
C VAL A 318 20.12 0.42 -4.05
N LYS A 319 21.09 0.49 -4.97
CA LYS A 319 21.75 -0.71 -5.44
C LYS A 319 23.19 -0.61 -4.89
N VAL A 320 23.53 -1.55 -4.02
CA VAL A 320 24.84 -1.58 -3.37
C VAL A 320 25.77 -2.63 -3.96
N ASP A 321 26.95 -2.19 -4.40
CA ASP A 321 27.98 -3.10 -4.91
C ASP A 321 28.59 -3.69 -3.63
N ARG A 322 28.12 -4.86 -3.22
CA ARG A 322 28.59 -5.47 -1.98
C ARG A 322 30.08 -5.80 -2.00
N GLU A 323 30.56 -6.18 -3.18
CA GLU A 323 31.95 -6.54 -3.37
C GLU A 323 32.84 -5.31 -3.12
N LYS A 324 32.54 -4.23 -3.85
CA LYS A 324 33.31 -3.01 -3.72
C LYS A 324 33.25 -2.46 -2.31
N LYS A 325 32.11 -2.66 -1.65
CA LYS A 325 31.92 -2.15 -0.31
C LYS A 325 32.69 -2.98 0.73
N LYS A 326 32.66 -4.30 0.59
CA LYS A 326 33.35 -5.15 1.55
C LYS A 326 34.85 -4.92 1.44
N ILE A 327 35.29 -4.51 0.25
CA ILE A 327 36.71 -4.24 0.02
C ILE A 327 37.11 -2.99 0.77
N LEU A 328 36.37 -1.90 0.56
CA LEU A 328 36.69 -0.65 1.25
C LEU A 328 36.59 -0.85 2.75
N PHE A 329 35.60 -1.61 3.20
CA PHE A 329 35.46 -1.84 4.63
C PHE A 329 36.73 -2.46 5.20
N GLU A 330 37.12 -3.61 4.63
CA GLU A 330 38.31 -4.31 5.10
C GLU A 330 39.56 -3.42 4.98
N GLU A 331 39.58 -2.57 3.96
CA GLU A 331 40.70 -1.65 3.73
C GLU A 331 40.75 -0.60 4.84
N LEU A 332 39.63 0.10 5.04
CA LEU A 332 39.52 1.11 6.08
C LEU A 332 39.72 0.49 7.44
N TYR A 333 39.28 -0.76 7.60
CA TYR A 333 39.43 -1.47 8.86
C TYR A 333 40.90 -1.71 9.19
N ASN A 334 41.64 -2.23 8.21
CA ASN A 334 43.05 -2.52 8.40
C ASN A 334 43.84 -1.23 8.59
N GLN A 335 43.60 -0.25 7.74
CA GLN A 335 44.30 1.02 7.85
C GLN A 335 44.12 1.55 9.27
N ARG A 336 42.89 1.45 9.78
CA ARG A 336 42.60 1.90 11.15
C ARG A 336 43.26 1.02 12.20
N LYS A 337 43.27 -0.29 11.97
CA LYS A 337 43.90 -1.19 12.91
C LYS A 337 45.41 -0.92 12.96
N GLN A 338 45.97 -0.57 11.80
CA GLN A 338 47.39 -0.25 11.66
C GLN A 338 47.68 1.08 12.34
N GLU A 339 46.86 2.09 12.06
CA GLU A 339 47.03 3.38 12.69
C GLU A 339 47.08 3.20 14.19
N VAL A 340 46.37 2.19 14.68
CA VAL A 340 46.33 1.91 16.11
C VAL A 340 47.60 1.24 16.57
N ARG A 341 48.21 0.45 15.69
CA ARG A 341 49.46 -0.27 15.99
C ARG A 341 50.60 0.73 16.14
N ASP A 342 50.77 1.55 15.11
CA ASP A 342 51.82 2.55 15.11
C ASP A 342 51.68 3.48 16.33
N ALA A 343 50.44 3.83 16.69
CA ALA A 343 50.19 4.72 17.82
C ALA A 343 50.60 4.09 19.15
N SER A 344 50.70 2.76 19.15
CA SER A 344 51.07 2.02 20.36
C SER A 344 52.54 1.62 20.34
N GLN A 345 53.36 2.44 19.69
CA GLN A 345 54.78 2.17 19.59
C GLN A 345 55.60 3.44 19.92
#